data_3UU7
#
_entry.id   3UU7
#
_cell.length_a   54.850
_cell.length_b   81.580
_cell.length_c   58.520
_cell.angle_alpha   90.00
_cell.angle_beta   110.68
_cell.angle_gamma   90.00
#
_symmetry.space_group_name_H-M   'P 1 21 1'
#
loop_
_entity.id
_entity.type
_entity.pdbx_description
1 polymer 'Estrogen receptor'
2 polymer 'Estrogen receptor'
3 polymer 'Nuclear receptor coactivator 1'
4 non-polymer "4,4'-PROPANE-2,2-DIYLDIPHENOL"
5 water water
#
loop_
_entity_poly.entity_id
_entity_poly.type
_entity_poly.pdbx_seq_one_letter_code
_entity_poly.pdbx_strand_id
1 'polypeptide(L)'
;KKNSLALSLTADQMVSALLDAEPPILYSEYDPTRPFSEASMMGLLTNLADRELVHMINWAKRVPGFVDLTLHDQVHLLE
(CSO)AWLEILMIGLVWRSMEHPGKLLFAPNLLLDRNQGK(CSO)VEGMVEIFDMLLATSSRFRMMNLQGEEFVCLKSII
LLNSGVYTFLSSTLKSLEEKDHIHRVLDKITDTLIHLMAKAGLTLQQQHQRLAQLLLILSHIRHMSNKGMEHLYSMKCKN
VVPLSDLLLEMLDAHRLHAP
;
A
2 'polypeptide(L)'
;KKNSLALSLTADQMVSALLDAEPPILYSEYDPTRPFSEASMMGLLTNLADRELVHMINWAKRVPGFVDLTLHDQVHLLE
(CSO)AWLEILMIGLVWRSMEHPGKLLFAPNLLLDRNQGK(CSO)VEGMVEIFDMLLATSSRFRMMNLQGEEFVCLKSII
LLNSGVYTFLSSTLKSLEEKDHIHRVLDKITDTLIHLMAKAGLTLQQQHQRLAQLLLILSHIRHMSNKGMEHLYSMK
(CSO)KNVVPLSDLLLEMLDAHRLHAP
;
B
3 'polypeptide(L)' RHKILHRLLQEGS F,G
#
# COMPACT_ATOMS: atom_id res chain seq x y z
N LEU A 5 20.65 -8.50 -19.08
CA LEU A 5 20.25 -7.35 -19.90
C LEU A 5 19.70 -6.23 -19.02
N ALA A 6 18.56 -6.49 -18.38
CA ALA A 6 17.90 -5.51 -17.53
C ALA A 6 18.84 -4.93 -16.48
N LEU A 7 19.66 -5.80 -15.89
CA LEU A 7 20.59 -5.38 -14.84
C LEU A 7 21.81 -4.66 -15.40
N SER A 8 21.88 -4.58 -16.73
CA SER A 8 23.00 -3.94 -17.41
C SER A 8 22.66 -2.52 -17.85
N LEU A 9 21.37 -2.20 -17.88
CA LEU A 9 20.92 -0.88 -18.33
C LEU A 9 21.42 0.25 -17.45
N THR A 10 21.83 1.34 -18.08
CA THR A 10 22.16 2.56 -17.36
C THR A 10 20.87 3.28 -17.01
N ALA A 11 20.95 4.24 -16.10
CA ALA A 11 19.78 5.00 -15.67
C ALA A 11 19.03 5.60 -16.87
N ASP A 12 19.78 6.16 -17.81
CA ASP A 12 19.20 6.79 -18.98
C ASP A 12 18.57 5.76 -19.91
N GLN A 13 19.23 4.64 -20.09
CA GLN A 13 18.70 3.56 -20.92
C GLN A 13 17.42 2.99 -20.34
N MET A 14 17.36 2.93 -19.01
CA MET A 14 16.16 2.47 -18.32
C MET A 14 14.99 3.42 -18.58
N VAL A 15 15.21 4.72 -18.36
CA VAL A 15 14.19 5.72 -18.63
C VAL A 15 13.69 5.61 -20.07
N SER A 16 14.63 5.64 -21.02
CA SER A 16 14.31 5.51 -22.43
C SER A 16 13.50 4.25 -22.71
N ALA A 17 13.94 3.14 -22.14
CA ALA A 17 13.26 1.86 -22.34
C ALA A 17 11.81 1.92 -21.86
N LEU A 18 11.60 2.52 -20.68
CA LEU A 18 10.26 2.62 -20.11
C LEU A 18 9.40 3.60 -20.89
N LEU A 19 10.00 4.71 -21.31
CA LEU A 19 9.29 5.71 -22.11
C LEU A 19 8.90 5.15 -23.46
N ASP A 20 9.73 4.27 -24.01
CA ASP A 20 9.44 3.65 -25.30
C ASP A 20 8.34 2.59 -25.18
N ALA A 21 8.19 2.03 -24.00
CA ALA A 21 7.24 0.95 -23.78
C ALA A 21 5.85 1.46 -23.44
N GLU A 22 5.73 2.77 -23.23
CA GLU A 22 4.45 3.37 -22.86
C GLU A 22 3.32 2.96 -23.79
N PRO A 23 2.24 2.42 -23.22
CA PRO A 23 1.05 2.06 -23.99
C PRO A 23 0.37 3.33 -24.51
N PRO A 24 -0.54 3.18 -25.48
CA PRO A 24 -1.25 4.35 -26.03
C PRO A 24 -2.45 4.74 -25.16
N ILE A 25 -2.91 5.97 -25.32
CA ILE A 25 -4.13 6.42 -24.67
C ILE A 25 -5.32 6.09 -25.56
N LEU A 26 -6.21 5.24 -25.06
CA LEU A 26 -7.34 4.77 -25.85
C LEU A 26 -8.55 5.70 -25.71
N TYR A 27 -9.49 5.58 -26.63
CA TYR A 27 -10.73 6.34 -26.57
C TYR A 27 -11.86 5.48 -26.01
N SER A 28 -12.90 6.11 -25.49
CA SER A 28 -14.07 5.38 -25.02
C SER A 28 -15.16 5.42 -26.09
N GLU A 29 -16.28 4.77 -25.83
CA GLU A 29 -17.40 4.80 -26.76
C GLU A 29 -18.41 5.86 -26.35
N TYR A 30 -18.01 6.71 -25.41
CA TYR A 30 -18.88 7.75 -24.86
C TYR A 30 -19.52 8.63 -25.92
N ASP A 31 -20.84 8.78 -25.83
CA ASP A 31 -21.59 9.69 -26.71
C ASP A 31 -22.22 10.78 -25.85
N PRO A 32 -21.70 12.01 -25.96
CA PRO A 32 -22.11 13.15 -25.12
C PRO A 32 -23.61 13.42 -25.19
N THR A 33 -24.27 12.93 -26.23
CA THR A 33 -25.70 13.10 -26.39
C THR A 33 -26.47 11.94 -25.74
N ARG A 34 -25.91 10.75 -25.88
CA ARG A 34 -26.53 9.54 -25.34
C ARG A 34 -26.72 9.64 -23.83
N PRO A 35 -27.92 9.29 -23.35
CA PRO A 35 -28.24 9.34 -21.92
C PRO A 35 -27.47 8.31 -21.08
N PHE A 36 -27.06 8.71 -19.88
CA PHE A 36 -26.25 7.86 -19.01
C PHE A 36 -27.07 7.11 -17.95
N SER A 37 -26.96 5.78 -17.95
CA SER A 37 -27.52 4.99 -16.87
C SER A 37 -26.37 4.46 -16.01
N GLU A 38 -26.72 3.73 -14.95
CA GLU A 38 -25.72 3.11 -14.11
C GLU A 38 -24.97 2.02 -14.86
N ALA A 39 -25.72 1.21 -15.59
CA ALA A 39 -25.15 0.06 -16.29
C ALA A 39 -24.35 0.47 -17.52
N SER A 40 -24.68 1.63 -18.08
CA SER A 40 -24.01 2.11 -19.28
C SER A 40 -22.68 2.79 -18.98
N MET A 41 -22.66 3.68 -18.00
CA MET A 41 -21.44 4.39 -17.62
C MET A 41 -20.36 3.45 -17.12
N MET A 42 -20.75 2.47 -16.30
CA MET A 42 -19.82 1.46 -15.83
C MET A 42 -19.42 0.55 -16.97
N GLY A 43 -20.32 0.37 -17.92
CA GLY A 43 -20.03 -0.41 -19.12
C GLY A 43 -18.93 0.23 -19.94
N LEU A 44 -19.00 1.55 -20.08
CA LEU A 44 -17.97 2.30 -20.79
C LEU A 44 -16.62 2.14 -20.12
N LEU A 45 -16.60 2.31 -18.79
CA LEU A 45 -15.37 2.20 -18.04
C LEU A 45 -14.81 0.79 -18.09
N THR A 46 -15.67 -0.20 -17.92
CA THR A 46 -15.25 -1.60 -17.96
C THR A 46 -14.82 -2.01 -19.37
N ASN A 47 -15.53 -1.51 -20.38
CA ASN A 47 -15.13 -1.74 -21.76
C ASN A 47 -13.75 -1.17 -22.02
N LEU A 48 -13.54 0.06 -21.56
CA LEU A 48 -12.25 0.73 -21.70
C LEU A 48 -11.15 -0.04 -20.97
N ALA A 49 -11.40 -0.38 -19.71
CA ALA A 49 -10.43 -1.11 -18.90
C ALA A 49 -10.00 -2.40 -19.59
N ASP A 50 -10.98 -3.14 -20.10
CA ASP A 50 -10.71 -4.40 -20.80
C ASP A 50 -9.72 -4.21 -21.95
N ARG A 51 -9.91 -3.14 -22.72
CA ARG A 51 -9.00 -2.87 -23.83
C ARG A 51 -7.63 -2.38 -23.34
N GLU A 52 -7.60 -1.69 -22.21
CA GLU A 52 -6.34 -1.23 -21.63
C GLU A 52 -5.51 -2.40 -21.12
N LEU A 53 -6.18 -3.41 -20.58
CA LEU A 53 -5.51 -4.60 -20.06
C LEU A 53 -4.67 -5.27 -21.15
N VAL A 54 -5.21 -5.36 -22.35
CA VAL A 54 -4.51 -5.98 -23.46
C VAL A 54 -3.20 -5.25 -23.74
N HIS A 55 -3.26 -3.93 -23.75
CA HIS A 55 -2.06 -3.12 -23.97
C HIS A 55 -1.11 -3.21 -22.78
N MET A 56 -1.67 -3.27 -21.57
CA MET A 56 -0.86 -3.36 -20.36
C MET A 56 -0.07 -4.66 -20.35
N ILE A 57 -0.73 -5.75 -20.73
CA ILE A 57 -0.08 -7.04 -20.78
C ILE A 57 1.14 -7.00 -21.69
N ASN A 58 0.99 -6.37 -22.85
CA ASN A 58 2.08 -6.27 -23.80
C ASN A 58 3.12 -5.21 -23.41
N TRP A 59 2.70 -4.24 -22.61
CA TRP A 59 3.63 -3.26 -22.05
C TRP A 59 4.55 -3.89 -21.02
N ALA A 60 3.97 -4.75 -20.18
CA ALA A 60 4.73 -5.45 -19.15
C ALA A 60 5.91 -6.23 -19.74
N LYS A 61 5.72 -6.79 -20.93
CA LYS A 61 6.76 -7.56 -21.60
C LYS A 61 7.98 -6.72 -21.94
N ARG A 62 7.78 -5.40 -22.02
CA ARG A 62 8.86 -4.49 -22.40
C ARG A 62 9.52 -3.86 -21.18
N VAL A 63 8.94 -4.11 -20.00
CA VAL A 63 9.54 -3.66 -18.76
C VAL A 63 10.77 -4.52 -18.46
N PRO A 64 11.94 -3.88 -18.41
CA PRO A 64 13.21 -4.60 -18.21
C PRO A 64 13.14 -5.61 -17.07
N GLY A 65 13.47 -6.86 -17.37
CA GLY A 65 13.54 -7.90 -16.37
C GLY A 65 12.29 -8.73 -16.23
N PHE A 66 11.18 -8.24 -16.77
CA PHE A 66 9.89 -8.91 -16.58
C PHE A 66 9.81 -10.25 -17.29
N VAL A 67 10.32 -10.31 -18.52
CA VAL A 67 10.26 -11.54 -19.30
C VAL A 67 11.26 -12.58 -18.78
N ASP A 68 12.21 -12.15 -17.96
CA ASP A 68 13.18 -13.06 -17.35
C ASP A 68 12.51 -13.97 -16.32
N LEU A 69 11.27 -13.65 -15.99
CA LEU A 69 10.52 -14.42 -14.99
C LEU A 69 9.74 -15.55 -15.64
N THR A 70 9.46 -16.59 -14.86
CA THR A 70 8.63 -17.68 -15.34
C THR A 70 7.27 -17.14 -15.74
N LEU A 71 6.58 -17.85 -16.62
CA LEU A 71 5.25 -17.45 -17.06
C LEU A 71 4.31 -17.38 -15.85
N HIS A 72 4.46 -18.34 -14.94
CA HIS A 72 3.63 -18.38 -13.74
C HIS A 72 3.83 -17.15 -12.85
N ASP A 73 5.05 -16.62 -12.86
CA ASP A 73 5.37 -15.43 -12.05
C ASP A 73 4.85 -14.16 -12.70
N GLN A 74 4.96 -14.08 -14.03
CA GLN A 74 4.43 -12.96 -14.78
C GLN A 74 2.92 -12.84 -14.58
N VAL A 75 2.23 -13.97 -14.72
CA VAL A 75 0.80 -14.05 -14.47
C VAL A 75 0.45 -13.50 -13.08
N HIS A 76 1.25 -13.89 -12.10
CA HIS A 76 1.01 -13.49 -10.72
C HIS A 76 1.17 -11.98 -10.53
N LEU A 77 2.28 -11.44 -11.03
CA LEU A 77 2.55 -10.01 -10.90
C LEU A 77 1.45 -9.15 -11.53
N LEU A 78 0.96 -9.57 -12.70
CA LEU A 78 -0.08 -8.83 -13.40
C LEU A 78 -1.44 -8.98 -12.73
N GLU A 79 -1.71 -10.16 -12.21
CA GLU A 79 -2.98 -10.43 -11.55
C GLU A 79 -3.16 -9.56 -10.31
N ALA A 81 -1.30 -6.64 -9.70
CA ALA A 81 -0.99 -5.24 -9.95
C ALA A 81 -1.87 -4.54 -10.98
N TRP A 82 -2.70 -5.28 -11.70
CA TRP A 82 -3.40 -4.72 -12.87
C TRP A 82 -4.21 -3.46 -12.57
N LEU A 83 -4.99 -3.47 -11.49
CA LEU A 83 -5.85 -2.34 -11.18
C LEU A 83 -5.04 -1.13 -10.67
N GLU A 84 -3.97 -1.40 -9.93
CA GLU A 84 -3.07 -0.35 -9.48
C GLU A 84 -2.47 0.36 -10.69
N ILE A 85 -2.12 -0.42 -11.71
CA ILE A 85 -1.50 0.11 -12.91
C ILE A 85 -2.48 0.95 -13.73
N LEU A 86 -3.71 0.45 -13.90
CA LEU A 86 -4.75 1.24 -14.56
C LEU A 86 -4.97 2.56 -13.82
N MET A 87 -5.08 2.46 -12.50
CA MET A 87 -5.40 3.63 -11.67
C MET A 87 -4.32 4.70 -11.71
N ILE A 88 -3.06 4.30 -11.58
CA ILE A 88 -1.97 5.28 -11.61
C ILE A 88 -1.87 5.93 -12.98
N GLY A 89 -2.19 5.17 -14.03
CA GLY A 89 -2.23 5.70 -15.37
C GLY A 89 -3.33 6.73 -15.50
N LEU A 90 -4.49 6.41 -14.95
CA LEU A 90 -5.63 7.32 -14.94
C LEU A 90 -5.27 8.63 -14.23
N VAL A 91 -4.70 8.52 -13.04
CA VAL A 91 -4.32 9.69 -12.24
C VAL A 91 -3.27 10.54 -12.96
N TRP A 92 -2.37 9.89 -13.68
CA TRP A 92 -1.35 10.59 -14.45
C TRP A 92 -1.97 11.39 -15.60
N ARG A 93 -2.88 10.76 -16.34
CA ARG A 93 -3.60 11.44 -17.42
C ARG A 93 -4.47 12.57 -16.90
N SER A 94 -4.83 12.50 -15.62
CA SER A 94 -5.78 13.45 -15.05
C SER A 94 -5.10 14.65 -14.39
N MET A 95 -3.77 14.64 -14.35
CA MET A 95 -3.01 15.68 -13.68
C MET A 95 -3.40 17.10 -14.08
N GLU A 96 -3.57 17.33 -15.38
CA GLU A 96 -3.81 18.66 -15.91
C GLU A 96 -5.29 19.04 -15.92
N HIS A 97 -6.09 18.29 -15.17
CA HIS A 97 -7.52 18.53 -15.14
C HIS A 97 -8.06 18.43 -13.72
N PRO A 98 -7.83 19.49 -12.93
CA PRO A 98 -8.25 19.50 -11.51
C PRO A 98 -9.73 19.21 -11.37
N GLY A 99 -10.08 18.24 -10.53
CA GLY A 99 -11.46 17.89 -10.30
C GLY A 99 -12.03 16.92 -11.31
N LYS A 100 -11.20 16.52 -12.28
CA LYS A 100 -11.66 15.63 -13.33
C LYS A 100 -10.74 14.42 -13.51
N LEU A 101 -11.35 13.30 -13.90
CA LEU A 101 -10.59 12.09 -14.21
C LEU A 101 -10.68 11.81 -15.70
N LEU A 102 -9.54 11.96 -16.39
CA LEU A 102 -9.49 11.76 -17.83
C LEU A 102 -9.37 10.27 -18.16
N PHE A 103 -10.50 9.57 -18.12
CA PHE A 103 -10.52 8.15 -18.48
C PHE A 103 -10.13 7.96 -19.93
N ALA A 104 -10.48 8.94 -20.75
CA ALA A 104 -10.12 8.95 -22.16
C ALA A 104 -10.20 10.38 -22.66
N PRO A 105 -9.55 10.69 -23.79
CA PRO A 105 -9.58 12.06 -24.30
C PRO A 105 -11.01 12.56 -24.51
N ASN A 106 -11.94 11.64 -24.75
CA ASN A 106 -13.32 11.99 -24.99
C ASN A 106 -14.22 11.68 -23.79
N LEU A 107 -13.60 11.30 -22.68
CA LEU A 107 -14.35 10.96 -21.48
C LEU A 107 -13.71 11.57 -20.23
N LEU A 108 -14.15 12.77 -19.89
CA LEU A 108 -13.63 13.51 -18.74
C LEU A 108 -14.73 13.62 -17.69
N LEU A 109 -14.55 12.96 -16.55
CA LEU A 109 -15.60 12.89 -15.54
C LEU A 109 -15.25 13.62 -14.24
N ASP A 110 -16.29 14.03 -13.50
CA ASP A 110 -16.11 14.57 -12.16
C ASP A 110 -16.84 13.68 -11.15
N ARG A 111 -16.72 14.02 -9.87
CA ARG A 111 -17.27 13.18 -8.81
C ARG A 111 -18.80 13.07 -8.92
N ASN A 112 -19.42 14.09 -9.50
CA ASN A 112 -20.87 14.10 -9.69
C ASN A 112 -21.34 12.90 -10.50
N GLN A 113 -20.80 12.76 -11.71
CA GLN A 113 -21.14 11.68 -12.61
C GLN A 113 -20.75 10.33 -12.03
N GLY A 114 -19.77 10.32 -11.13
CA GLY A 114 -19.33 9.10 -10.48
C GLY A 114 -20.34 8.62 -9.46
N LYS A 115 -21.60 8.98 -9.69
CA LYS A 115 -22.67 8.63 -8.77
C LYS A 115 -23.78 7.85 -9.49
N VAL A 117 -23.22 5.35 -10.57
CA VAL A 117 -22.85 4.04 -10.05
C VAL A 117 -22.72 4.11 -8.53
N GLU A 118 -23.32 3.15 -7.84
CA GLU A 118 -23.28 3.11 -6.38
C GLU A 118 -21.89 2.76 -5.88
N GLY A 119 -21.39 3.55 -4.93
CA GLY A 119 -20.09 3.28 -4.33
C GLY A 119 -18.91 3.78 -5.14
N MET A 120 -19.20 4.31 -6.32
CA MET A 120 -18.13 4.77 -7.22
C MET A 120 -17.51 6.07 -6.73
N VAL A 121 -18.31 6.91 -6.09
CA VAL A 121 -17.87 8.25 -5.71
C VAL A 121 -16.70 8.25 -4.73
N GLU A 122 -16.66 7.26 -3.85
CA GLU A 122 -15.57 7.15 -2.89
C GLU A 122 -14.24 6.92 -3.61
N ILE A 123 -14.24 5.98 -4.53
CA ILE A 123 -13.03 5.67 -5.29
C ILE A 123 -12.60 6.85 -6.16
N PHE A 124 -13.57 7.54 -6.75
CA PHE A 124 -13.26 8.73 -7.53
C PHE A 124 -12.53 9.78 -6.71
N ASP A 125 -13.05 10.07 -5.51
CA ASP A 125 -12.44 11.06 -4.63
C ASP A 125 -11.00 10.72 -4.27
N MET A 126 -10.72 9.43 -4.08
CA MET A 126 -9.36 8.99 -3.81
C MET A 126 -8.46 9.19 -5.03
N LEU A 127 -9.01 8.89 -6.20
CA LEU A 127 -8.28 9.09 -7.45
C LEU A 127 -7.98 10.58 -7.67
N LEU A 128 -8.98 11.43 -7.42
CA LEU A 128 -8.80 12.88 -7.57
C LEU A 128 -7.75 13.39 -6.59
N ALA A 129 -7.81 12.91 -5.35
CA ALA A 129 -6.85 13.31 -4.33
C ALA A 129 -5.43 12.93 -4.70
N THR A 130 -5.27 11.75 -5.30
CA THR A 130 -3.97 11.29 -5.75
C THR A 130 -3.50 12.20 -6.89
N SER A 131 -4.45 12.60 -7.71
CA SER A 131 -4.16 13.50 -8.83
C SER A 131 -3.66 14.85 -8.31
N SER A 132 -4.34 15.36 -7.28
CA SER A 132 -3.90 16.59 -6.62
C SER A 132 -2.48 16.43 -6.12
N ARG A 133 -2.22 15.30 -5.46
CA ARG A 133 -0.88 15.02 -4.92
C ARG A 133 0.18 15.06 -6.01
N PHE A 134 -0.09 14.39 -7.13
CA PHE A 134 0.82 14.43 -8.28
C PHE A 134 1.08 15.87 -8.71
N ARG A 135 0.02 16.68 -8.71
CA ARG A 135 0.14 18.08 -9.11
C ARG A 135 0.98 18.88 -8.13
N MET A 136 0.71 18.68 -6.83
CA MET A 136 1.48 19.37 -5.78
C MET A 136 2.96 19.07 -5.89
N MET A 137 3.29 17.84 -6.27
CA MET A 137 4.69 17.42 -6.39
C MET A 137 5.27 17.74 -7.75
N ASN A 138 4.42 18.17 -8.67
CA ASN A 138 4.86 18.37 -10.06
C ASN A 138 5.53 17.10 -10.58
N LEU A 139 4.79 15.99 -10.55
CA LEU A 139 5.33 14.71 -10.96
C LEU A 139 5.78 14.73 -12.42
N GLN A 140 6.97 14.19 -12.66
CA GLN A 140 7.54 14.17 -14.00
C GLN A 140 7.23 12.86 -14.72
N GLY A 141 7.02 12.95 -16.03
CA GLY A 141 6.73 11.78 -16.84
C GLY A 141 7.76 10.69 -16.67
N GLU A 142 9.02 11.10 -16.50
CA GLU A 142 10.11 10.15 -16.29
C GLU A 142 9.95 9.41 -14.96
N GLU A 143 9.42 10.12 -13.96
CA GLU A 143 9.20 9.54 -12.64
C GLU A 143 7.99 8.63 -12.64
N PHE A 144 6.95 9.04 -13.37
CA PHE A 144 5.72 8.25 -13.49
C PHE A 144 5.98 6.85 -14.05
N VAL A 145 6.76 6.76 -15.12
CA VAL A 145 7.03 5.46 -15.74
C VAL A 145 7.83 4.57 -14.81
N CYS A 146 8.74 5.16 -14.05
CA CYS A 146 9.48 4.42 -13.04
C CYS A 146 8.52 3.84 -12.00
N LEU A 147 7.64 4.69 -11.47
CA LEU A 147 6.68 4.27 -10.45
C LEU A 147 5.80 3.13 -10.94
N LYS A 148 5.36 3.22 -12.19
CA LYS A 148 4.45 2.23 -12.75
C LYS A 148 5.09 0.86 -12.85
N SER A 149 6.35 0.82 -13.27
CA SER A 149 7.09 -0.44 -13.34
C SER A 149 7.37 -0.98 -11.93
N ILE A 150 7.59 -0.07 -10.98
CA ILE A 150 7.80 -0.48 -9.59
C ILE A 150 6.58 -1.22 -9.08
N ILE A 151 5.39 -0.71 -9.40
CA ILE A 151 4.14 -1.35 -9.01
C ILE A 151 4.04 -2.77 -9.55
N LEU A 152 4.34 -2.92 -10.85
CA LEU A 152 4.26 -4.21 -11.51
C LEU A 152 5.16 -5.25 -10.84
N LEU A 153 6.38 -4.83 -10.51
CA LEU A 153 7.37 -5.74 -9.94
C LEU A 153 7.19 -5.98 -8.44
N ASN A 154 6.74 -4.94 -7.72
CA ASN A 154 6.67 -5.01 -6.26
C ASN A 154 5.38 -5.57 -5.69
N SER A 155 4.25 -5.28 -6.33
CA SER A 155 2.94 -5.51 -5.72
C SER A 155 2.63 -6.97 -5.38
N GLY A 156 3.19 -7.90 -6.13
CA GLY A 156 2.92 -9.31 -5.89
C GLY A 156 4.12 -10.12 -5.44
N VAL A 157 5.24 -9.44 -5.21
CA VAL A 157 6.51 -10.12 -4.94
C VAL A 157 6.53 -10.86 -3.59
N TYR A 158 5.61 -10.55 -2.70
CA TYR A 158 5.58 -11.18 -1.38
C TYR A 158 4.41 -12.13 -1.18
N THR A 159 3.69 -12.42 -2.26
CA THR A 159 2.53 -13.29 -2.21
C THR A 159 2.63 -14.40 -3.25
N PHE A 160 3.87 -14.74 -3.60
CA PHE A 160 4.13 -15.84 -4.53
C PHE A 160 3.71 -17.18 -3.94
N LYS A 166 14.38 -22.30 -4.57
CA LYS A 166 14.71 -21.95 -5.95
C LYS A 166 13.69 -21.00 -6.54
N SER A 167 12.43 -21.14 -6.11
CA SER A 167 11.39 -20.20 -6.52
C SER A 167 11.65 -18.87 -5.81
N LEU A 168 12.68 -18.88 -4.98
CA LEU A 168 13.14 -17.68 -4.29
C LEU A 168 14.20 -16.97 -5.11
N GLU A 169 14.85 -17.72 -6.01
CA GLU A 169 15.80 -17.12 -6.94
C GLU A 169 15.06 -16.12 -7.82
N GLU A 170 13.78 -16.42 -8.08
CA GLU A 170 12.91 -15.53 -8.82
C GLU A 170 12.72 -14.21 -8.09
N LYS A 171 12.38 -14.29 -6.81
CA LYS A 171 12.15 -13.09 -6.01
C LYS A 171 13.40 -12.23 -5.92
N ASP A 172 14.55 -12.88 -5.86
CA ASP A 172 15.83 -12.18 -5.73
C ASP A 172 16.10 -11.29 -6.94
N HIS A 173 15.80 -11.81 -8.13
CA HIS A 173 16.00 -11.05 -9.36
C HIS A 173 15.12 -9.80 -9.41
N ILE A 174 13.86 -9.95 -9.00
CA ILE A 174 12.92 -8.85 -8.98
C ILE A 174 13.43 -7.70 -8.11
N HIS A 175 13.99 -8.04 -6.96
CA HIS A 175 14.55 -7.03 -6.06
C HIS A 175 15.74 -6.31 -6.69
N ARG A 176 16.51 -7.03 -7.51
CA ARG A 176 17.65 -6.43 -8.20
C ARG A 176 17.15 -5.36 -9.18
N VAL A 177 16.10 -5.69 -9.92
CA VAL A 177 15.52 -4.77 -10.87
C VAL A 177 14.87 -3.58 -10.17
N LEU A 178 14.26 -3.84 -9.02
CA LEU A 178 13.67 -2.77 -8.22
C LEU A 178 14.73 -1.76 -7.79
N ASP A 179 15.86 -2.26 -7.31
CA ASP A 179 16.98 -1.40 -6.94
C ASP A 179 17.44 -0.58 -8.14
N LYS A 180 17.42 -1.19 -9.32
CA LYS A 180 17.80 -0.51 -10.54
C LYS A 180 16.89 0.68 -10.84
N ILE A 181 15.60 0.49 -10.59
CA ILE A 181 14.63 1.56 -10.82
C ILE A 181 14.77 2.66 -9.77
N THR A 182 15.13 2.28 -8.56
CA THR A 182 15.40 3.25 -7.51
C THR A 182 16.56 4.15 -7.93
N ASP A 183 17.63 3.53 -8.41
CA ASP A 183 18.80 4.26 -8.88
C ASP A 183 18.39 5.25 -9.97
N THR A 184 17.53 4.78 -10.88
CA THR A 184 17.04 5.62 -11.97
C THR A 184 16.33 6.86 -11.43
N LEU A 185 15.47 6.67 -10.43
CA LEU A 185 14.75 7.79 -9.82
C LEU A 185 15.71 8.82 -9.23
N ILE A 186 16.70 8.35 -8.48
CA ILE A 186 17.68 9.25 -7.89
C ILE A 186 18.43 9.98 -9.01
N HIS A 187 18.85 9.22 -10.02
CA HIS A 187 19.52 9.78 -11.18
C HIS A 187 18.71 10.91 -11.81
N LEU A 188 17.40 10.70 -11.95
CA LEU A 188 16.51 11.72 -12.48
C LEU A 188 16.50 12.97 -11.58
N MET A 189 16.33 12.75 -10.29
CA MET A 189 16.24 13.85 -9.34
C MET A 189 17.53 14.66 -9.29
N ALA A 190 18.66 13.97 -9.32
CA ALA A 190 19.96 14.62 -9.30
C ALA A 190 20.13 15.51 -10.54
N LYS A 191 19.69 14.99 -11.69
CA LYS A 191 19.76 15.76 -12.93
C LYS A 191 18.91 17.02 -12.83
N ALA A 192 17.78 16.91 -12.15
CA ALA A 192 16.88 18.04 -11.97
C ALA A 192 17.43 19.05 -10.97
N GLY A 193 18.65 18.80 -10.49
CA GLY A 193 19.32 19.74 -9.60
C GLY A 193 18.84 19.72 -8.17
N LEU A 194 18.34 18.58 -7.72
CA LEU A 194 17.90 18.43 -6.33
C LEU A 194 19.06 18.10 -5.41
N THR A 195 19.05 18.67 -4.22
CA THR A 195 20.08 18.35 -3.22
C THR A 195 19.92 16.91 -2.76
N LEU A 196 20.97 16.36 -2.17
CA LEU A 196 20.93 14.97 -1.69
C LEU A 196 19.80 14.77 -0.69
N GLN A 197 19.55 15.77 0.14
CA GLN A 197 18.46 15.70 1.10
C GLN A 197 17.12 15.73 0.38
N GLN A 198 17.03 16.58 -0.64
CA GLN A 198 15.81 16.71 -1.43
C GLN A 198 15.51 15.45 -2.23
N GLN A 199 16.56 14.84 -2.78
CA GLN A 199 16.42 13.60 -3.53
C GLN A 199 15.79 12.51 -2.65
N HIS A 200 16.39 12.27 -1.49
CA HIS A 200 15.89 11.24 -0.58
C HIS A 200 14.46 11.54 -0.14
N GLN A 201 14.18 12.81 0.11
CA GLN A 201 12.84 13.21 0.54
C GLN A 201 11.80 12.97 -0.55
N ARG A 202 12.15 13.31 -1.78
CA ARG A 202 11.22 13.16 -2.89
C ARG A 202 11.00 11.70 -3.24
N LEU A 203 12.08 10.93 -3.20
CA LEU A 203 12.01 9.49 -3.39
C LEU A 203 10.99 8.87 -2.44
N ALA A 204 11.07 9.26 -1.17
CA ALA A 204 10.13 8.78 -0.16
C ALA A 204 8.71 9.20 -0.51
N GLN A 205 8.53 10.50 -0.77
CA GLN A 205 7.23 11.03 -1.14
C GLN A 205 6.59 10.25 -2.30
N LEU A 206 7.41 9.86 -3.26
CA LEU A 206 6.92 9.14 -4.43
C LEU A 206 6.49 7.72 -4.09
N LEU A 207 7.32 7.02 -3.31
CA LEU A 207 7.02 5.66 -2.94
C LEU A 207 5.86 5.56 -1.97
N LEU A 208 5.70 6.58 -1.13
CA LEU A 208 4.57 6.61 -0.19
C LEU A 208 3.24 6.65 -0.94
N ILE A 209 3.23 7.25 -2.12
CA ILE A 209 2.05 7.30 -2.95
C ILE A 209 1.57 5.89 -3.32
N LEU A 210 2.52 4.99 -3.52
CA LEU A 210 2.19 3.63 -3.91
C LEU A 210 1.35 2.91 -2.85
N SER A 211 1.49 3.35 -1.60
CA SER A 211 0.69 2.80 -0.51
C SER A 211 -0.78 3.16 -0.70
N HIS A 212 -1.02 4.39 -1.11
CA HIS A 212 -2.38 4.89 -1.32
CA HIS A 212 -2.39 4.86 -1.32
C HIS A 212 -2.97 4.34 -2.62
N ILE A 213 -2.09 3.99 -3.56
CA ILE A 213 -2.54 3.41 -4.81
C ILE A 213 -2.94 1.95 -4.58
N ARG A 214 -2.19 1.25 -3.74
CA ARG A 214 -2.56 -0.10 -3.36
C ARG A 214 -3.93 -0.06 -2.68
N HIS A 215 -4.12 0.92 -1.82
CA HIS A 215 -5.38 1.08 -1.09
C HIS A 215 -6.57 1.25 -2.04
N MET A 216 -6.44 2.17 -3.00
CA MET A 216 -7.49 2.42 -3.98
C MET A 216 -7.79 1.17 -4.80
N SER A 217 -6.74 0.43 -5.14
CA SER A 217 -6.89 -0.80 -5.92
C SER A 217 -7.75 -1.80 -5.16
N ASN A 218 -7.48 -1.97 -3.87
CA ASN A 218 -8.24 -2.91 -3.06
C ASN A 218 -9.68 -2.48 -2.84
N LYS A 219 -9.88 -1.18 -2.63
CA LYS A 219 -11.25 -0.66 -2.52
C LYS A 219 -11.98 -0.82 -3.84
N GLY A 220 -11.29 -0.54 -4.93
CA GLY A 220 -11.86 -0.67 -6.26
C GLY A 220 -12.14 -2.12 -6.62
N MET A 221 -11.24 -3.01 -6.21
CA MET A 221 -11.40 -4.43 -6.49
C MET A 221 -12.68 -4.96 -5.84
N GLU A 222 -12.99 -4.46 -4.65
CA GLU A 222 -14.21 -4.85 -3.95
C GLU A 222 -15.44 -4.24 -4.61
N HIS A 223 -15.27 -3.05 -5.18
CA HIS A 223 -16.35 -2.41 -5.91
C HIS A 223 -16.67 -3.18 -7.19
N LEU A 224 -15.64 -3.72 -7.82
CA LEU A 224 -15.80 -4.53 -9.02
C LEU A 224 -16.56 -5.82 -8.71
N TYR A 225 -16.14 -6.51 -7.67
CA TYR A 225 -16.81 -7.74 -7.25
C TYR A 225 -18.28 -7.44 -6.95
N SER A 226 -18.52 -6.27 -6.37
CA SER A 226 -19.87 -5.82 -6.06
C SER A 226 -20.71 -5.66 -7.34
N MET A 227 -20.11 -5.06 -8.36
CA MET A 227 -20.81 -4.85 -9.63
C MET A 227 -21.10 -6.16 -10.33
N LYS A 228 -20.15 -7.08 -10.27
CA LYS A 228 -20.30 -8.40 -10.86
C LYS A 228 -21.48 -9.17 -10.27
N CYS A 229 -21.53 -9.24 -8.95
CA CYS A 229 -22.60 -9.94 -8.27
C CYS A 229 -23.96 -9.28 -8.50
N LYS A 230 -23.94 -7.97 -8.72
CA LYS A 230 -25.17 -7.24 -9.03
C LYS A 230 -25.65 -7.61 -10.43
N ASN A 231 -24.73 -8.13 -11.23
CA ASN A 231 -25.05 -8.60 -12.58
C ASN A 231 -25.82 -7.60 -13.42
N VAL A 232 -25.51 -6.33 -13.26
CA VAL A 232 -26.16 -5.28 -14.04
C VAL A 232 -25.24 -4.77 -15.13
N VAL A 233 -23.97 -4.59 -14.79
CA VAL A 233 -22.97 -4.13 -15.74
C VAL A 233 -22.19 -5.31 -16.33
N PRO A 234 -21.86 -5.23 -17.62
CA PRO A 234 -21.13 -6.29 -18.31
C PRO A 234 -19.64 -6.28 -18.00
N LEU A 235 -19.10 -7.44 -17.65
CA LEU A 235 -17.67 -7.58 -17.42
C LEU A 235 -17.05 -8.57 -18.40
N SER A 236 -15.97 -8.16 -19.07
CA SER A 236 -15.30 -9.01 -20.03
C SER A 236 -14.75 -10.26 -19.36
N ASP A 237 -14.42 -11.27 -20.16
CA ASP A 237 -13.90 -12.51 -19.62
C ASP A 237 -12.51 -12.34 -19.02
N LEU A 238 -11.73 -11.43 -19.59
CA LEU A 238 -10.39 -11.16 -19.08
C LEU A 238 -10.49 -10.43 -17.75
N LEU A 239 -11.47 -9.53 -17.65
CA LEU A 239 -11.64 -8.72 -16.45
C LEU A 239 -12.18 -9.57 -15.30
N LEU A 240 -13.03 -10.54 -15.64
CA LEU A 240 -13.57 -11.45 -14.65
C LEU A 240 -12.49 -12.37 -14.09
N GLU A 241 -11.54 -12.76 -14.93
CA GLU A 241 -10.45 -13.61 -14.49
C GLU A 241 -9.43 -12.84 -13.63
N MET A 242 -9.16 -11.59 -14.01
CA MET A 242 -8.30 -10.73 -13.21
C MET A 242 -8.92 -10.53 -11.83
N LEU A 243 -10.21 -10.23 -11.83
CA LEU A 243 -10.98 -10.03 -10.61
C LEU A 243 -10.99 -11.30 -9.77
N ASP A 244 -11.14 -12.43 -10.43
CA ASP A 244 -11.10 -13.70 -9.77
C ASP A 244 -9.78 -14.02 -9.13
N ALA A 245 -8.69 -13.55 -9.70
CA ALA A 245 -7.36 -13.76 -9.14
C ALA A 245 -7.26 -13.28 -7.69
N HIS A 246 -8.04 -12.28 -7.35
CA HIS A 246 -8.03 -11.71 -6.00
C HIS A 246 -9.06 -12.40 -5.12
N ARG A 247 -9.84 -13.30 -5.72
CA ARG A 247 -10.87 -14.03 -4.99
C ARG A 247 -11.97 -13.10 -4.50
N LEU A 248 -11.90 -12.70 -3.24
CA LEU A 248 -12.90 -11.81 -2.66
C LEU A 248 -14.19 -12.56 -2.34
N ASN B 3 3.45 26.81 14.87
CA ASN B 3 4.64 26.04 14.57
C ASN B 3 4.83 24.82 15.48
N SER B 4 5.16 23.69 14.87
CA SER B 4 5.30 22.43 15.59
C SER B 4 6.71 22.21 16.14
N LEU B 5 6.79 21.72 17.38
CA LEU B 5 8.08 21.41 17.98
C LEU B 5 8.77 20.25 17.28
N ALA B 6 7.99 19.48 16.51
CA ALA B 6 8.51 18.30 15.84
C ALA B 6 9.58 18.64 14.81
N LEU B 7 9.34 19.70 14.04
CA LEU B 7 10.25 20.07 12.96
C LEU B 7 11.57 20.63 13.47
N SER B 8 11.58 21.05 14.73
CA SER B 8 12.78 21.66 15.31
C SER B 8 13.72 20.63 15.92
N LEU B 9 13.23 19.41 16.11
CA LEU B 9 14.03 18.34 16.69
C LEU B 9 15.14 17.89 15.74
N THR B 10 16.19 17.30 16.30
CA THR B 10 17.27 16.75 15.48
C THR B 10 17.01 15.28 15.21
N ALA B 11 17.86 14.67 14.40
CA ALA B 11 17.71 13.26 14.05
C ALA B 11 17.71 12.38 15.30
N ASP B 12 18.74 12.53 16.12
CA ASP B 12 18.85 11.75 17.36
C ASP B 12 17.65 11.98 18.26
N GLN B 13 17.23 13.22 18.39
CA GLN B 13 16.08 13.57 19.24
C GLN B 13 14.80 12.89 18.76
N MET B 14 14.60 12.86 17.45
CA MET B 14 13.45 12.19 16.86
C MET B 14 13.48 10.70 17.17
N VAL B 15 14.63 10.08 16.91
CA VAL B 15 14.83 8.67 17.21
C VAL B 15 14.53 8.36 18.68
N SER B 16 15.09 9.17 19.57
CA SER B 16 14.89 9.00 21.00
C SER B 16 13.43 9.15 21.40
N ALA B 17 12.77 10.17 20.88
CA ALA B 17 11.36 10.40 21.18
C ALA B 17 10.52 9.20 20.76
N LEU B 18 10.78 8.67 19.57
CA LEU B 18 10.04 7.53 19.05
C LEU B 18 10.32 6.26 19.85
N LEU B 19 11.59 5.98 20.10
CA LEU B 19 11.97 4.83 20.92
C LEU B 19 11.30 4.91 22.30
N ASP B 20 11.22 6.13 22.82
CA ASP B 20 10.67 6.34 24.16
C ASP B 20 9.15 6.21 24.17
N ALA B 21 8.52 6.49 23.02
CA ALA B 21 7.07 6.41 22.91
C ALA B 21 6.59 4.96 22.77
N GLU B 22 7.48 4.06 22.37
CA GLU B 22 7.14 2.67 22.16
C GLU B 22 6.20 2.13 23.24
N PRO B 23 5.08 1.51 22.81
CA PRO B 23 4.17 0.85 23.74
C PRO B 23 4.76 -0.47 24.19
N PRO B 24 4.25 -1.02 25.31
CA PRO B 24 4.77 -2.28 25.85
C PRO B 24 4.28 -3.50 25.08
N ILE B 25 4.97 -4.63 25.24
CA ILE B 25 4.53 -5.89 24.68
C ILE B 25 3.56 -6.56 25.64
N LEU B 26 2.30 -6.68 25.23
CA LEU B 26 1.26 -7.20 26.09
C LEU B 26 1.20 -8.73 26.05
N TYR B 27 0.61 -9.32 27.08
CA TYR B 27 0.39 -10.76 27.13
C TYR B 27 -1.05 -11.09 26.77
N SER B 28 -1.26 -12.32 26.33
CA SER B 28 -2.60 -12.83 26.11
C SER B 28 -3.05 -13.57 27.37
N GLU B 29 -4.33 -13.92 27.43
CA GLU B 29 -4.84 -14.74 28.50
C GLU B 29 -3.99 -15.99 28.62
N TYR B 30 -3.81 -16.49 29.84
CA TYR B 30 -2.80 -17.51 30.11
C TYR B 30 -3.32 -18.95 30.13
N ASP B 31 -4.40 -19.23 29.41
CA ASP B 31 -4.90 -20.60 29.35
C ASP B 31 -4.03 -21.45 28.43
N PRO B 32 -3.34 -22.43 29.00
CA PRO B 32 -2.40 -23.29 28.27
C PRO B 32 -3.10 -24.42 27.53
N THR B 33 -4.30 -24.77 27.98
CA THR B 33 -5.07 -25.83 27.35
C THR B 33 -6.26 -25.26 26.59
N ARG B 34 -5.99 -24.24 25.78
CA ARG B 34 -7.04 -23.59 24.99
C ARG B 34 -6.95 -23.99 23.52
N PRO B 35 -5.73 -24.21 23.04
CA PRO B 35 -5.51 -24.59 21.64
C PRO B 35 -6.40 -25.72 21.13
N PHE B 36 -7.35 -25.44 20.24
CA PHE B 36 -7.60 -24.09 19.73
C PHE B 36 -8.70 -24.10 18.67
N SER B 37 -9.84 -23.49 19.00
CA SER B 37 -10.96 -23.42 18.07
C SER B 37 -11.02 -22.07 17.37
N GLU B 38 -12.13 -21.81 16.69
CA GLU B 38 -12.30 -20.55 15.97
C GLU B 38 -12.72 -19.44 16.92
N ALA B 39 -13.69 -19.73 17.79
CA ALA B 39 -14.18 -18.75 18.75
C ALA B 39 -13.10 -18.37 19.77
N SER B 40 -12.33 -19.34 20.23
CA SER B 40 -11.28 -19.10 21.21
C SER B 40 -10.09 -18.38 20.56
N MET B 41 -9.74 -18.80 19.35
CA MET B 41 -8.67 -18.16 18.60
C MET B 41 -8.95 -16.68 18.40
N MET B 42 -10.07 -16.37 17.75
CA MET B 42 -10.45 -14.99 17.49
C MET B 42 -10.79 -14.24 18.78
N GLY B 43 -11.18 -14.99 19.80
CA GLY B 43 -11.42 -14.41 21.10
C GLY B 43 -10.16 -13.85 21.72
N LEU B 44 -9.08 -14.63 21.65
CA LEU B 44 -7.80 -14.21 22.20
C LEU B 44 -7.22 -13.03 21.41
N LEU B 45 -7.33 -13.12 20.09
CA LEU B 45 -6.74 -12.11 19.23
C LEU B 45 -7.46 -10.76 19.34
N THR B 46 -8.78 -10.77 19.27
CA THR B 46 -9.55 -9.54 19.38
C THR B 46 -9.38 -8.91 20.77
N ASN B 47 -9.36 -9.75 21.81
CA ASN B 47 -9.07 -9.27 23.15
C ASN B 47 -7.74 -8.53 23.17
N LEU B 48 -6.72 -9.17 22.59
CA LEU B 48 -5.40 -8.59 22.51
C LEU B 48 -5.41 -7.29 21.73
N ALA B 49 -6.07 -7.31 20.57
CA ALA B 49 -6.14 -6.13 19.72
C ALA B 49 -6.74 -4.94 20.47
N ASP B 50 -7.82 -5.19 21.20
CA ASP B 50 -8.51 -4.14 21.94
C ASP B 50 -7.58 -3.47 22.95
N ARG B 51 -6.79 -4.29 23.64
CA ARG B 51 -5.85 -3.76 24.64
C ARG B 51 -4.68 -3.03 23.99
N GLU B 52 -4.21 -3.55 22.84
CA GLU B 52 -3.14 -2.90 22.11
C GLU B 52 -3.57 -1.54 21.55
N LEU B 53 -4.84 -1.45 21.14
CA LEU B 53 -5.36 -0.20 20.61
C LEU B 53 -5.23 0.93 21.63
N VAL B 54 -5.60 0.64 22.88
CA VAL B 54 -5.52 1.64 23.93
C VAL B 54 -4.10 2.19 24.04
N HIS B 55 -3.12 1.31 23.99
CA HIS B 55 -1.72 1.73 24.06
C HIS B 55 -1.30 2.46 22.78
N MET B 56 -1.84 2.04 21.65
CA MET B 56 -1.52 2.68 20.37
C MET B 56 -1.98 4.13 20.37
N ILE B 57 -3.21 4.36 20.83
CA ILE B 57 -3.76 5.70 20.90
C ILE B 57 -2.87 6.64 21.74
N ASN B 58 -2.33 6.13 22.83
CA ASN B 58 -1.43 6.92 23.67
C ASN B 58 0.00 6.95 23.14
N TRP B 59 0.36 5.97 22.32
CA TRP B 59 1.63 6.00 21.61
C TRP B 59 1.62 7.11 20.57
N ALA B 60 0.51 7.21 19.84
CA ALA B 60 0.39 8.19 18.77
C ALA B 60 0.58 9.62 19.28
N LYS B 61 -0.02 9.92 20.42
CA LYS B 61 0.07 11.24 21.02
C LYS B 61 1.52 11.61 21.34
N ARG B 62 2.37 10.60 21.43
CA ARG B 62 3.79 10.81 21.72
C ARG B 62 4.64 10.78 20.45
N VAL B 63 3.99 10.73 19.29
CA VAL B 63 4.70 10.84 18.03
C VAL B 63 4.79 12.32 17.65
N PRO B 64 6.01 12.85 17.55
CA PRO B 64 6.21 14.29 17.32
C PRO B 64 5.42 14.79 16.12
N GLY B 65 4.65 15.86 16.33
CA GLY B 65 3.87 16.46 15.27
C GLY B 65 2.41 16.02 15.25
N PHE B 66 2.13 14.92 15.94
CA PHE B 66 0.78 14.36 15.92
C PHE B 66 -0.21 15.18 16.73
N VAL B 67 0.15 15.52 17.97
CA VAL B 67 -0.74 16.30 18.82
C VAL B 67 -0.86 17.75 18.36
N ASP B 68 -0.15 18.11 17.29
CA ASP B 68 -0.24 19.45 16.72
C ASP B 68 -1.39 19.52 15.72
N LEU B 69 -1.90 18.36 15.32
CA LEU B 69 -3.05 18.30 14.43
C LEU B 69 -4.32 18.49 15.24
N THR B 70 -5.40 18.91 14.59
CA THR B 70 -6.69 19.00 15.26
C THR B 70 -7.11 17.59 15.70
N LEU B 71 -7.95 17.53 16.72
CA LEU B 71 -8.43 16.24 17.21
C LEU B 71 -9.03 15.41 16.06
N HIS B 72 -9.72 16.10 15.16
CA HIS B 72 -10.37 15.42 14.04
C HIS B 72 -9.37 14.76 13.10
N ASP B 73 -8.27 15.44 12.81
CA ASP B 73 -7.21 14.87 11.98
C ASP B 73 -6.57 13.69 12.69
N GLN B 74 -6.43 13.78 14.01
CA GLN B 74 -5.87 12.69 14.78
C GLN B 74 -6.78 11.47 14.70
N VAL B 75 -8.08 11.70 14.82
CA VAL B 75 -9.06 10.63 14.74
C VAL B 75 -8.99 9.96 13.37
N HIS B 76 -8.95 10.79 12.33
CA HIS B 76 -8.91 10.31 10.96
C HIS B 76 -7.69 9.44 10.69
N LEU B 77 -6.51 9.92 11.09
CA LEU B 77 -5.27 9.20 10.85
C LEU B 77 -5.24 7.84 11.55
N LEU B 78 -5.64 7.82 12.82
CA LEU B 78 -5.66 6.57 13.58
C LEU B 78 -6.68 5.59 13.03
N GLU B 79 -7.84 6.09 12.64
CA GLU B 79 -8.89 5.23 12.09
C GLU B 79 -8.41 4.50 10.84
N ALA B 81 -5.15 4.03 9.88
CA ALA B 81 -3.87 3.32 10.04
C ALA B 81 -3.86 2.24 11.12
N TRP B 82 -4.89 2.17 11.94
CA TRP B 82 -4.85 1.33 13.13
C TRP B 82 -4.43 -0.12 12.87
N LEU B 83 -4.97 -0.74 11.83
CA LEU B 83 -4.66 -2.15 11.56
C LEU B 83 -3.26 -2.33 10.96
N GLU B 84 -2.84 -1.38 10.13
CA GLU B 84 -1.48 -1.40 9.62
C GLU B 84 -0.47 -1.32 10.77
N ILE B 85 -0.80 -0.55 11.79
CA ILE B 85 0.10 -0.37 12.93
C ILE B 85 0.17 -1.62 13.82
N LEU B 86 -0.97 -2.25 14.08
CA LEU B 86 -0.98 -3.53 14.78
C LEU B 86 -0.14 -4.55 14.02
N MET B 87 -0.34 -4.60 12.71
CA MET B 87 0.32 -5.59 11.85
C MET B 87 1.83 -5.43 11.76
N ILE B 88 2.30 -4.20 11.58
CA ILE B 88 3.74 -3.98 11.51
C ILE B 88 4.39 -4.26 12.87
N GLY B 89 3.64 -4.00 13.95
CA GLY B 89 4.10 -4.36 15.28
C GLY B 89 4.23 -5.86 15.44
N LEU B 90 3.18 -6.57 15.04
CA LEU B 90 3.18 -8.03 15.05
C LEU B 90 4.37 -8.58 14.26
N VAL B 91 4.55 -8.07 13.05
CA VAL B 91 5.61 -8.53 12.16
C VAL B 91 6.99 -8.30 12.78
N TRP B 92 7.20 -7.10 13.32
CA TRP B 92 8.45 -6.78 14.00
C TRP B 92 8.74 -7.77 15.14
N ARG B 93 7.75 -7.95 16.02
CA ARG B 93 7.90 -8.88 17.14
C ARG B 93 8.21 -10.30 16.66
N SER B 94 7.64 -10.67 15.52
CA SER B 94 7.73 -12.03 15.01
C SER B 94 9.03 -12.27 14.24
N MET B 95 9.83 -11.23 14.09
CA MET B 95 10.98 -11.26 13.21
C MET B 95 12.02 -12.34 13.57
N GLU B 96 12.37 -12.41 14.85
CA GLU B 96 13.36 -13.39 15.30
C GLU B 96 12.76 -14.78 15.52
N HIS B 97 11.54 -14.97 15.03
CA HIS B 97 10.85 -16.25 15.17
C HIS B 97 10.31 -16.75 13.84
N PRO B 98 11.21 -17.15 12.92
CA PRO B 98 10.84 -17.60 11.58
C PRO B 98 9.69 -18.61 11.58
N GLY B 99 8.70 -18.39 10.72
CA GLY B 99 7.58 -19.30 10.60
C GLY B 99 6.49 -19.07 11.63
N LYS B 100 6.71 -18.16 12.56
CA LYS B 100 5.75 -17.94 13.64
C LYS B 100 5.35 -16.47 13.79
N LEU B 101 4.13 -16.25 14.27
CA LEU B 101 3.66 -14.91 14.59
C LEU B 101 3.54 -14.74 16.11
N LEU B 102 4.36 -13.84 16.66
CA LEU B 102 4.34 -13.58 18.09
C LEU B 102 3.31 -12.51 18.43
N PHE B 103 2.05 -12.92 18.55
CA PHE B 103 1.00 -12.00 18.95
C PHE B 103 1.26 -11.52 20.37
N ALA B 104 1.71 -12.44 21.21
CA ALA B 104 2.15 -12.13 22.57
C ALA B 104 3.26 -13.11 22.93
N PRO B 105 4.07 -12.77 23.94
CA PRO B 105 5.12 -13.70 24.35
C PRO B 105 4.55 -15.08 24.73
N ASN B 106 3.31 -15.11 25.19
CA ASN B 106 2.67 -16.37 25.57
C ASN B 106 1.62 -16.80 24.55
N LEU B 107 1.77 -16.32 23.32
CA LEU B 107 0.85 -16.68 22.23
C LEU B 107 1.59 -16.59 20.90
N LEU B 108 2.45 -17.57 20.65
CA LEU B 108 3.23 -17.63 19.43
C LEU B 108 2.59 -18.65 18.49
N LEU B 109 1.96 -18.15 17.43
CA LEU B 109 1.18 -19.02 16.54
C LEU B 109 1.90 -19.30 15.23
N ASP B 110 1.62 -20.45 14.64
CA ASP B 110 2.15 -20.79 13.32
C ASP B 110 1.03 -20.96 12.30
N ARG B 111 1.42 -21.24 11.05
CA ARG B 111 0.46 -21.29 9.95
C ARG B 111 -0.70 -22.27 10.16
N ASN B 112 -0.37 -23.48 10.63
CA ASN B 112 -1.39 -24.49 10.87
C ASN B 112 -2.52 -23.99 11.74
N GLN B 113 -2.17 -23.19 12.75
CA GLN B 113 -3.16 -22.64 13.67
C GLN B 113 -4.01 -21.58 13.00
N GLY B 114 -3.43 -20.89 12.02
CA GLY B 114 -4.17 -19.93 11.23
C GLY B 114 -5.41 -20.56 10.60
N LYS B 115 -5.29 -21.84 10.26
CA LYS B 115 -6.40 -22.58 9.66
C LYS B 115 -7.60 -22.68 10.61
N VAL B 117 -9.08 -20.50 12.14
CA VAL B 117 -10.05 -19.48 11.82
C VAL B 117 -10.26 -19.43 10.31
N GLU B 118 -11.52 -19.35 9.90
CA GLU B 118 -11.85 -19.34 8.47
C GLU B 118 -11.41 -18.04 7.81
N GLY B 119 -10.52 -18.16 6.82
CA GLY B 119 -10.08 -17.01 6.05
C GLY B 119 -8.91 -16.26 6.65
N MET B 120 -8.26 -16.86 7.66
CA MET B 120 -7.15 -16.19 8.32
C MET B 120 -5.79 -16.74 7.91
N VAL B 121 -5.79 -17.91 7.27
CA VAL B 121 -4.54 -18.52 6.86
C VAL B 121 -3.86 -17.70 5.76
N GLU B 122 -4.66 -17.05 4.92
CA GLU B 122 -4.14 -16.21 3.86
C GLU B 122 -3.47 -14.97 4.45
N ILE B 123 -4.09 -14.39 5.46
CA ILE B 123 -3.53 -13.24 6.15
C ILE B 123 -2.27 -13.63 6.90
N PHE B 124 -2.28 -14.84 7.47
CA PHE B 124 -1.11 -15.37 8.16
C PHE B 124 0.09 -15.45 7.23
N ASP B 125 -0.09 -16.07 6.07
CA ASP B 125 1.01 -16.22 5.13
C ASP B 125 1.62 -14.89 4.70
N MET B 126 0.76 -13.89 4.49
CA MET B 126 1.24 -12.56 4.13
C MET B 126 2.08 -11.97 5.26
N LEU B 127 1.57 -12.08 6.49
CA LEU B 127 2.27 -11.59 7.67
C LEU B 127 3.62 -12.27 7.83
N LEU B 128 3.63 -13.60 7.68
CA LEU B 128 4.84 -14.39 7.80
C LEU B 128 5.87 -14.04 6.74
N ALA B 129 5.41 -13.75 5.52
CA ALA B 129 6.28 -13.34 4.44
C ALA B 129 6.91 -11.97 4.72
N THR B 130 6.12 -11.08 5.31
CA THR B 130 6.62 -9.75 5.65
C THR B 130 7.69 -9.86 6.72
N SER B 131 7.42 -10.66 7.74
CA SER B 131 8.37 -10.86 8.83
C SER B 131 9.70 -11.37 8.29
N SER B 132 9.65 -12.42 7.48
CA SER B 132 10.85 -12.98 6.86
C SER B 132 11.59 -11.92 6.05
N ARG B 133 10.85 -11.16 5.25
CA ARG B 133 11.43 -10.08 4.47
C ARG B 133 12.17 -9.09 5.38
N PHE B 134 11.53 -8.72 6.48
CA PHE B 134 12.13 -7.82 7.46
C PHE B 134 13.42 -8.42 8.03
N ARG B 135 13.37 -9.71 8.33
CA ARG B 135 14.53 -10.40 8.89
C ARG B 135 15.69 -10.43 7.91
N MET B 136 15.42 -10.80 6.66
CA MET B 136 16.46 -10.87 5.64
C MET B 136 17.03 -9.49 5.31
N MET B 137 16.30 -8.44 5.68
CA MET B 137 16.78 -7.07 5.50
C MET B 137 17.53 -6.58 6.74
N ASN B 138 17.52 -7.40 7.78
CA ASN B 138 18.14 -7.03 9.04
CA ASN B 138 18.13 -7.03 9.05
C ASN B 138 17.60 -5.70 9.56
N LEU B 139 16.28 -5.55 9.53
CA LEU B 139 15.62 -4.34 9.98
C LEU B 139 16.01 -4.03 11.43
N GLN B 140 16.36 -2.78 11.68
CA GLN B 140 16.73 -2.34 13.02
C GLN B 140 15.56 -1.66 13.72
N GLY B 141 15.57 -1.70 15.05
CA GLY B 141 14.49 -1.13 15.84
C GLY B 141 14.30 0.34 15.60
N GLU B 142 15.40 1.06 15.36
CA GLU B 142 15.35 2.48 15.05
C GLU B 142 14.65 2.73 13.72
N GLU B 143 14.88 1.84 12.77
CA GLU B 143 14.23 1.91 11.47
C GLU B 143 12.75 1.58 11.60
N PHE B 144 12.44 0.58 12.42
CA PHE B 144 11.08 0.12 12.63
C PHE B 144 10.15 1.21 13.18
N VAL B 145 10.62 1.95 14.18
CA VAL B 145 9.80 2.99 14.78
C VAL B 145 9.56 4.14 13.81
N CYS B 146 10.54 4.43 12.98
CA CYS B 146 10.36 5.43 11.92
C CYS B 146 9.30 4.97 10.94
N LEU B 147 9.37 3.71 10.54
CA LEU B 147 8.40 3.14 9.60
C LEU B 147 6.99 3.19 10.17
N LYS B 148 6.87 2.86 11.44
CA LYS B 148 5.55 2.80 12.08
C LYS B 148 4.88 4.18 12.17
N SER B 149 5.65 5.21 12.51
CA SER B 149 5.10 6.55 12.57
C SER B 149 4.83 7.11 11.17
N ILE B 150 5.61 6.67 10.18
CA ILE B 150 5.34 7.02 8.79
C ILE B 150 3.96 6.53 8.38
N ILE B 151 3.65 5.29 8.76
CA ILE B 151 2.33 4.72 8.52
C ILE B 151 1.23 5.58 9.14
N LEU B 152 1.43 5.96 10.40
CA LEU B 152 0.45 6.75 11.12
C LEU B 152 0.11 8.04 10.40
N LEU B 153 1.13 8.75 9.94
CA LEU B 153 0.94 10.06 9.32
C LEU B 153 0.58 9.99 7.84
N ASN B 154 1.01 8.93 7.16
CA ASN B 154 0.84 8.84 5.72
C ASN B 154 -0.47 8.23 5.25
N SER B 155 -0.86 7.11 5.85
CA SER B 155 -1.96 6.31 5.33
C SER B 155 -3.25 7.07 5.06
N GLY B 156 -3.58 8.03 5.93
CA GLY B 156 -4.81 8.78 5.76
C GLY B 156 -4.63 10.21 5.28
N VAL B 157 -3.41 10.54 4.87
CA VAL B 157 -3.08 11.91 4.54
C VAL B 157 -3.74 12.41 3.23
N TYR B 158 -3.94 11.51 2.28
CA TYR B 158 -4.50 11.91 0.98
C TYR B 158 -6.02 11.80 0.93
N THR B 159 -6.62 11.33 2.02
CA THR B 159 -8.07 11.18 2.11
C THR B 159 -8.70 12.37 2.80
N PHE B 160 -7.89 13.38 3.11
CA PHE B 160 -8.38 14.58 3.78
C PHE B 160 -9.23 15.43 2.84
N LYS B 171 -2.44 19.50 5.94
CA LYS B 171 -1.72 18.67 4.99
C LYS B 171 -0.22 18.98 4.99
N ASP B 172 0.10 20.26 4.82
CA ASP B 172 1.49 20.69 4.71
C ASP B 172 2.31 20.27 5.93
N HIS B 173 1.74 20.42 7.11
CA HIS B 173 2.41 20.05 8.36
C HIS B 173 2.78 18.57 8.37
N ILE B 174 1.84 17.71 8.00
CA ILE B 174 2.07 16.27 8.00
C ILE B 174 3.20 15.88 7.06
N HIS B 175 3.22 16.48 5.87
CA HIS B 175 4.25 16.16 4.90
C HIS B 175 5.62 16.71 5.30
N ARG B 176 5.63 17.82 6.04
CA ARG B 176 6.88 18.33 6.59
C ARG B 176 7.40 17.37 7.65
N VAL B 177 6.50 16.81 8.45
CA VAL B 177 6.89 15.83 9.46
C VAL B 177 7.33 14.52 8.79
N LEU B 178 6.62 14.14 7.74
CA LEU B 178 6.99 12.95 6.97
C LEU B 178 8.39 13.09 6.38
N ASP B 179 8.67 14.27 5.82
CA ASP B 179 10.01 14.57 5.32
C ASP B 179 11.02 14.45 6.46
N LYS B 180 10.65 14.99 7.61
CA LYS B 180 11.52 14.95 8.79
C LYS B 180 11.86 13.51 9.13
N ILE B 181 10.87 12.64 9.13
CA ILE B 181 11.09 11.23 9.43
C ILE B 181 11.97 10.56 8.37
N THR B 182 11.81 10.99 7.12
CA THR B 182 12.68 10.49 6.04
C THR B 182 14.13 10.85 6.29
N ASP B 183 14.36 12.11 6.66
CA ASP B 183 15.70 12.55 7.04
C ASP B 183 16.24 11.65 8.13
N THR B 184 15.38 11.29 9.08
CA THR B 184 15.77 10.47 10.22
C THR B 184 16.22 9.07 9.80
N LEU B 185 15.46 8.45 8.90
CA LEU B 185 15.82 7.12 8.38
C LEU B 185 17.19 7.12 7.72
N ILE B 186 17.37 8.02 6.75
CA ILE B 186 18.66 8.19 6.08
C ILE B 186 19.76 8.41 7.11
N HIS B 187 19.49 9.31 8.07
CA HIS B 187 20.43 9.59 9.15
C HIS B 187 20.90 8.31 9.83
N LEU B 188 19.97 7.38 10.03
CA LEU B 188 20.28 6.10 10.68
C LEU B 188 21.15 5.23 9.79
N MET B 189 20.81 5.17 8.50
CA MET B 189 21.53 4.33 7.56
C MET B 189 22.95 4.83 7.31
N ALA B 190 23.11 6.15 7.33
CA ALA B 190 24.43 6.74 7.24
C ALA B 190 25.21 6.42 8.51
N LYS B 191 24.55 6.61 9.65
CA LYS B 191 25.14 6.30 10.95
C LYS B 191 25.65 4.87 10.99
N ALA B 192 24.99 3.99 10.25
CA ALA B 192 25.30 2.56 10.27
C ALA B 192 26.41 2.19 9.30
N GLY B 193 26.90 3.15 8.53
CA GLY B 193 28.03 2.93 7.65
C GLY B 193 27.67 2.64 6.20
N LEU B 194 26.39 2.70 5.86
CA LEU B 194 25.96 2.41 4.50
C LEU B 194 26.38 3.49 3.51
N THR B 195 26.74 3.07 2.29
CA THR B 195 27.11 4.00 1.24
C THR B 195 25.87 4.72 0.72
N LEU B 196 26.08 5.79 -0.04
CA LEU B 196 24.97 6.56 -0.59
C LEU B 196 23.98 5.70 -1.36
N GLN B 197 24.48 4.93 -2.32
CA GLN B 197 23.62 4.08 -3.14
C GLN B 197 22.86 3.07 -2.28
N GLN B 198 23.51 2.57 -1.24
CA GLN B 198 22.87 1.64 -0.31
C GLN B 198 21.78 2.35 0.51
N GLN B 199 22.02 3.61 0.82
CA GLN B 199 21.06 4.40 1.62
C GLN B 199 19.73 4.59 0.90
N HIS B 200 19.77 5.08 -0.34
CA HIS B 200 18.53 5.28 -1.09
C HIS B 200 17.89 3.96 -1.51
N GLN B 201 18.71 2.96 -1.80
CA GLN B 201 18.20 1.64 -2.12
C GLN B 201 17.45 1.04 -0.93
N ARG B 202 18.04 1.14 0.26
CA ARG B 202 17.40 0.61 1.45
C ARG B 202 16.16 1.41 1.83
N LEU B 203 16.25 2.73 1.66
CA LEU B 203 15.09 3.59 1.90
C LEU B 203 13.91 3.13 1.05
N ALA B 204 14.17 2.84 -0.22
CA ALA B 204 13.13 2.42 -1.15
C ALA B 204 12.57 1.05 -0.79
N GLN B 205 13.45 0.10 -0.51
CA GLN B 205 13.04 -1.25 -0.12
C GLN B 205 12.12 -1.22 1.08
N LEU B 206 12.47 -0.40 2.08
CA LEU B 206 11.67 -0.30 3.29
C LEU B 206 10.29 0.29 2.99
N LEU B 207 10.27 1.41 2.28
CA LEU B 207 9.01 2.07 1.94
C LEU B 207 8.11 1.24 1.05
N LEU B 208 8.69 0.46 0.15
CA LEU B 208 7.92 -0.43 -0.72
C LEU B 208 7.16 -1.50 0.07
N ILE B 209 7.73 -1.90 1.21
CA ILE B 209 7.07 -2.89 2.06
C ILE B 209 5.79 -2.32 2.68
N LEU B 210 5.75 -1.00 2.83
CA LEU B 210 4.57 -0.34 3.36
C LEU B 210 3.36 -0.56 2.45
N SER B 211 3.61 -0.73 1.16
CA SER B 211 2.55 -1.05 0.20
C SER B 211 1.92 -2.40 0.52
N HIS B 212 2.75 -3.38 0.84
CA HIS B 212 2.27 -4.71 1.21
CA HIS B 212 2.27 -4.70 1.20
C HIS B 212 1.51 -4.67 2.53
N ILE B 213 2.05 -3.93 3.49
CA ILE B 213 1.40 -3.78 4.78
C ILE B 213 0.01 -3.18 4.63
N ARG B 214 -0.11 -2.20 3.73
CA ARG B 214 -1.42 -1.64 3.42
C ARG B 214 -2.34 -2.72 2.86
N HIS B 215 -1.80 -3.53 1.96
CA HIS B 215 -2.59 -4.60 1.37
C HIS B 215 -3.09 -5.56 2.44
N MET B 216 -2.20 -5.95 3.35
CA MET B 216 -2.57 -6.84 4.44
C MET B 216 -3.66 -6.24 5.31
N SER B 217 -3.55 -4.94 5.58
CA SER B 217 -4.55 -4.23 6.38
C SER B 217 -5.92 -4.29 5.72
N ASN B 218 -5.96 -4.06 4.41
CA ASN B 218 -7.22 -4.10 3.67
C ASN B 218 -7.84 -5.49 3.73
N LYS B 219 -7.02 -6.51 3.53
CA LYS B 219 -7.48 -7.89 3.61
C LYS B 219 -7.92 -8.24 5.03
N GLY B 220 -7.12 -7.83 6.02
CA GLY B 220 -7.46 -8.05 7.40
C GLY B 220 -8.75 -7.36 7.81
N MET B 221 -8.98 -6.17 7.25
CA MET B 221 -10.18 -5.42 7.57
C MET B 221 -11.42 -6.15 7.07
N GLU B 222 -11.32 -6.72 5.87
CA GLU B 222 -12.40 -7.52 5.31
C GLU B 222 -12.65 -8.79 6.12
N HIS B 223 -11.58 -9.41 6.60
CA HIS B 223 -11.69 -10.61 7.40
C HIS B 223 -12.36 -10.31 8.75
N LEU B 224 -11.94 -9.22 9.37
CA LEU B 224 -12.49 -8.79 10.64
C LEU B 224 -13.96 -8.43 10.49
N TYR B 225 -14.33 -7.94 9.31
CA TYR B 225 -15.71 -7.58 9.02
C TYR B 225 -16.58 -8.83 8.88
N SER B 226 -16.07 -9.85 8.21
CA SER B 226 -16.82 -11.09 8.06
C SER B 226 -16.97 -11.80 9.41
N MET B 227 -15.91 -11.77 10.21
CA MET B 227 -15.96 -12.32 11.56
C MET B 227 -17.01 -11.60 12.39
N LYS B 228 -17.21 -10.31 12.10
CA LYS B 228 -18.23 -9.53 12.78
C LYS B 228 -19.64 -10.04 12.47
N LYS B 230 -20.48 -12.82 11.18
CA LYS B 230 -20.72 -14.16 11.62
C LYS B 230 -21.10 -14.15 13.06
N ASN B 231 -20.88 -13.05 13.73
CA ASN B 231 -21.24 -12.92 15.12
C ASN B 231 -20.74 -14.04 16.00
N VAL B 232 -19.61 -14.60 15.62
CA VAL B 232 -18.90 -15.61 16.40
C VAL B 232 -18.51 -15.06 17.77
N VAL B 233 -17.56 -14.15 17.78
CA VAL B 233 -17.17 -13.53 19.01
C VAL B 233 -17.55 -12.09 19.05
N PRO B 234 -17.98 -11.60 20.19
CA PRO B 234 -18.34 -10.19 20.28
C PRO B 234 -17.08 -9.39 20.25
N LEU B 235 -17.21 -8.22 19.67
CA LEU B 235 -16.07 -7.31 19.60
C LEU B 235 -16.33 -6.11 20.50
N SER B 236 -15.28 -5.55 21.08
CA SER B 236 -15.42 -4.37 21.91
C SER B 236 -16.00 -3.23 21.10
N ASP B 237 -16.65 -2.29 21.77
CA ASP B 237 -17.19 -1.12 21.09
C ASP B 237 -16.07 -0.34 20.38
N LEU B 238 -14.90 -0.30 21.02
CA LEU B 238 -13.75 0.40 20.47
C LEU B 238 -13.28 -0.24 19.17
N LEU B 239 -13.08 -1.56 19.21
CA LEU B 239 -12.65 -2.29 18.03
C LEU B 239 -13.70 -2.21 16.93
N LEU B 240 -14.97 -2.21 17.32
CA LEU B 240 -16.07 -2.08 16.37
C LEU B 240 -16.08 -0.70 15.71
N GLU B 241 -15.74 0.32 16.48
CA GLU B 241 -15.70 1.68 15.96
C GLU B 241 -14.54 1.88 15.00
N MET B 242 -13.40 1.24 15.30
CA MET B 242 -12.23 1.32 14.44
C MET B 242 -12.49 0.56 13.14
N LEU B 243 -13.22 -0.54 13.23
CA LEU B 243 -13.59 -1.33 12.06
C LEU B 243 -14.62 -0.60 11.21
N ASP B 244 -15.64 -0.07 11.87
CA ASP B 244 -16.74 0.60 11.17
C ASP B 244 -16.26 1.85 10.42
N ALA B 245 -15.15 2.43 10.88
CA ALA B 245 -14.61 3.63 10.25
C ALA B 245 -14.17 3.37 8.81
N HIS B 246 -13.93 2.10 8.48
CA HIS B 246 -13.53 1.73 7.13
C HIS B 246 -14.74 1.39 6.26
N ARG B 247 -15.94 1.59 6.81
CA ARG B 247 -17.19 1.38 6.08
C ARG B 247 -17.22 0.02 5.40
N LYS C 3 -7.23 -19.75 -19.60
CA LYS C 3 -6.51 -18.72 -18.84
C LYS C 3 -6.07 -17.58 -19.76
N ILE C 4 -6.99 -16.65 -20.00
CA ILE C 4 -6.77 -15.57 -20.97
C ILE C 4 -5.45 -14.83 -20.78
N LEU C 5 -5.19 -14.36 -19.56
CA LEU C 5 -3.96 -13.64 -19.26
C LEU C 5 -2.72 -14.48 -19.60
N HIS C 6 -2.78 -15.76 -19.24
CA HIS C 6 -1.67 -16.67 -19.50
C HIS C 6 -1.39 -16.80 -21.00
N ARG C 7 -2.45 -16.80 -21.79
CA ARG C 7 -2.34 -16.97 -23.22
C ARG C 7 -1.82 -15.70 -23.90
N LEU C 8 -2.33 -14.55 -23.46
CA LEU C 8 -1.89 -13.27 -24.00
C LEU C 8 -0.41 -13.03 -23.69
N LEU C 9 0.02 -13.52 -22.52
CA LEU C 9 1.42 -13.41 -22.12
C LEU C 9 2.32 -14.25 -23.01
N GLN C 10 1.79 -15.38 -23.50
CA GLN C 10 2.54 -16.25 -24.39
C GLN C 10 2.56 -15.72 -25.82
N GLU C 11 1.38 -15.52 -26.39
CA GLU C 11 1.27 -14.98 -27.75
C GLU C 11 1.90 -13.60 -27.84
N LYS D 3 -17.90 9.08 20.10
CA LYS D 3 -16.97 8.03 19.68
C LYS D 3 -15.87 7.82 20.72
N ILE D 4 -15.62 6.56 21.06
CA ILE D 4 -14.64 6.21 22.09
C ILE D 4 -13.24 6.75 21.80
N LEU D 5 -12.84 6.67 20.53
CA LEU D 5 -11.54 7.16 20.10
C LEU D 5 -11.29 8.61 20.50
N HIS D 6 -12.30 9.45 20.35
CA HIS D 6 -12.19 10.86 20.73
C HIS D 6 -11.89 10.99 22.22
N ARG D 7 -12.63 10.26 23.05
CA ARG D 7 -12.45 10.33 24.49
C ARG D 7 -11.06 9.88 24.90
N LEU D 8 -10.59 8.79 24.30
CA LEU D 8 -9.27 8.26 24.59
C LEU D 8 -8.15 9.21 24.15
N LEU D 9 -8.31 9.79 22.97
CA LEU D 9 -7.32 10.73 22.44
C LEU D 9 -7.15 11.96 23.33
N GLN D 10 -8.19 12.27 24.10
CA GLN D 10 -8.18 13.44 24.98
C GLN D 10 -7.86 13.06 26.43
N GLU D 11 -8.22 11.84 26.81
CA GLU D 11 -7.96 11.35 28.17
C GLU D 11 -6.47 11.12 28.40
#